data_7ZZ4
#
_entry.id   7ZZ4
#
_cell.length_a   1.00
_cell.length_b   1.00
_cell.length_c   1.00
_cell.angle_alpha   90.00
_cell.angle_beta   90.00
_cell.angle_gamma   90.00
#
_symmetry.space_group_name_H-M   'P 1'
#
loop_
_entity.id
_entity.type
_entity.pdbx_description
1 polymer 'Pyruvate carboxylase'
2 non-polymer "ADENOSINE-5'-TRIPHOSPHATE"
3 non-polymer 'MAGNESIUM ION'
4 non-polymer 'ACETYL COENZYME *A'
5 water water
#
_entity_poly.entity_id   1
_entity_poly.type   'polypeptide(L)'
_entity_poly.pdbx_seq_one_letter_code
;VPRGSHMKKLLVANRGEIAVRVFRACNELGLSTVAVYAREDEYSVHRFKADESYLIGQGKKPIDAYLDIDDIIRVALESG
ADAIHPGYGLLSENLEFATKVRAAGLVFVGPELHHLDIFGDKIKAKAAADEAKVPGIPGTNGAVDIDGALEFAKTYGYPV
MIKAALGGGGRGMRVARNDAEMHDGYARAKSEAIGAFGSGEIYVEKYIENPKHIEVQILGDRHGNIIHLHERDCSVQRRN
QKVIEIAPAVGLSPDFRNEICEAAVKLCKNVGYVNAGTVEFLVKDDKFYFIEVNPRVQVEHTITELITGVDIVQAQILIA
QGKDLHREIGLPAQSEIPLLGSAIQCRITTEDPQNGFLPDTGKIDTYRSPGGFGIRLDVGNAYAGYEVTPYFDSLLVKVC
TFANEFSDSVRKMDRVLHEFRIRGVKTNIPFLINVIANENFTSGQATTTFIDNTPSLFNFPRLRDRGTKTLHYLSMITVN
GFPGIENTEKRHFEEPRQPLLNLEKKKTAKNILDEQGADAVVDYVKNTKEVLLTDTTLRDAHQSLLATRLRLQDMKGIAQ
AIDQGLPELFSAEMWGGATFDVAYRFLNESPWYRLRKLRKLMPNTMFQMLFRGSNAVGYQNYPDNVIEEFIRVAAHEGID
VFRIFDSLNWLPQMEKSIQAVRDNGKIAEATICYTGDILDPSRPKYNIQYYKDLAKELEATGAHILAV(KCX)DMAGLLK
PQAAYRLISELKDTVDLPIHLHTHDTSGNGIITYSGATQAGVDIIDVATASLAGGTSQPSMQSIYYALEHGPRHASINVK
NAEQIDHYWEDVRKYYAPFEAGITSPQTEVYMHEMPGGQYTNLKSQAAAVGLGHRFDEIKQMYRKVNMMFGDIIKVTPSS
KVVGDMALFMIQNDLTEEDVYARGNELNFPESVVSFFRGDLGQPVGGFPEKLQKIIVKDKAVITDRPGLHAEKVDFETVK
ADLEQKIGYEPGDHEVISYIMYPQVFLDYQKMQREFGAVTLLDTPTFLHGMRLNEKIEVQIEKGKTLSIRLDEIGEPDLA
GNRVLFFNLNGQRREVVINDQSVQAQVVAKRKAETGNPNQIGATMPGSVLEILVKAGDKVQKGQALMVTEAMKMETTIEA
PFDGEIVDLHVVKGEAIQTQDLLIEIN
;
_entity_poly.pdbx_strand_id   A
#
# COMPACT_ATOMS: atom_id res chain seq x y z
N SER A 5 6.36 -31.27 4.31
CA SER A 5 5.04 -30.89 4.82
C SER A 5 5.02 -29.42 5.18
N HIS A 6 5.27 -29.12 6.45
CA HIS A 6 5.36 -27.75 6.91
C HIS A 6 6.56 -27.03 6.30
N MET A 7 6.40 -25.74 6.00
CA MET A 7 7.54 -24.99 5.52
C MET A 7 8.46 -24.68 6.69
N LYS A 8 9.75 -24.61 6.41
CA LYS A 8 10.76 -24.25 7.40
C LYS A 8 11.56 -23.03 6.96
N LYS A 9 11.97 -23.01 5.70
CA LYS A 9 12.66 -21.86 5.14
C LYS A 9 11.68 -21.01 4.35
N LEU A 10 11.83 -19.69 4.48
CA LEU A 10 10.99 -18.77 3.72
C LEU A 10 11.90 -17.73 3.07
N LEU A 11 11.58 -17.39 1.84
CA LEU A 11 12.32 -16.41 1.06
C LEU A 11 11.44 -15.19 0.87
N VAL A 12 12.02 -14.01 1.00
CA VAL A 12 11.28 -12.78 0.76
C VAL A 12 11.78 -12.16 -0.54
N ALA A 13 10.89 -12.06 -1.53
CA ALA A 13 11.25 -11.49 -2.83
C ALA A 13 10.94 -9.99 -2.84
N ASN A 14 11.56 -9.30 -1.89
CA ASN A 14 11.38 -7.86 -1.76
C ASN A 14 12.60 -7.29 -1.03
N ARG A 15 12.53 -6.00 -0.70
CA ARG A 15 13.62 -5.29 -0.08
C ARG A 15 13.07 -4.32 0.95
N GLY A 16 13.97 -3.62 1.63
CA GLY A 16 13.59 -2.54 2.49
C GLY A 16 12.92 -3.01 3.78
N GLU A 17 11.99 -2.18 4.24
CA GLU A 17 11.36 -2.41 5.53
C GLU A 17 10.39 -3.58 5.50
N ILE A 18 9.74 -3.83 4.36
CA ILE A 18 8.77 -4.91 4.28
C ILE A 18 9.46 -6.26 4.38
N ALA A 19 10.67 -6.38 3.83
CA ALA A 19 11.46 -7.60 3.99
C ALA A 19 11.80 -7.85 5.44
N VAL A 20 12.17 -6.78 6.18
CA VAL A 20 12.50 -6.91 7.58
C VAL A 20 11.26 -7.28 8.39
N ARG A 21 10.10 -6.75 8.00
CA ARG A 21 8.85 -7.08 8.68
C ARG A 21 8.50 -8.55 8.50
N VAL A 22 8.64 -9.06 7.28
CA VAL A 22 8.36 -10.48 7.05
C VAL A 22 9.41 -11.35 7.74
N PHE A 23 10.66 -10.88 7.81
CA PHE A 23 11.69 -11.60 8.55
C PHE A 23 11.34 -11.70 10.02
N ARG A 24 10.85 -10.60 10.61
CA ARG A 24 10.44 -10.61 12.01
C ARG A 24 9.27 -11.56 12.23
N ALA A 25 8.30 -11.55 11.30
CA ALA A 25 7.17 -12.47 11.41
C ALA A 25 7.61 -13.93 11.32
N CYS A 26 8.54 -14.22 10.41
CA CYS A 26 9.04 -15.59 10.26
C CYS A 26 9.83 -16.04 11.48
N ASN A 27 10.62 -15.13 12.05
CA ASN A 27 11.36 -15.45 13.27
C ASN A 27 10.43 -15.67 14.45
N GLU A 28 9.34 -14.89 14.53
CA GLU A 28 8.36 -15.11 15.58
C GLU A 28 7.61 -16.42 15.38
N LEU A 29 7.47 -16.86 14.14
CA LEU A 29 6.82 -18.13 13.85
C LEU A 29 7.80 -19.30 13.80
N GLY A 30 9.07 -19.06 14.07
CA GLY A 30 10.04 -20.15 14.05
C GLY A 30 10.48 -20.59 12.68
N LEU A 31 10.41 -19.72 11.68
CA LEU A 31 10.83 -20.05 10.33
C LEU A 31 12.15 -19.37 10.01
N SER A 32 13.10 -20.15 9.53
CA SER A 32 14.35 -19.57 9.04
C SER A 32 14.10 -18.81 7.74
N THR A 33 14.85 -17.74 7.56
CA THR A 33 14.58 -16.76 6.51
C THR A 33 15.70 -16.70 5.49
N VAL A 34 15.36 -16.25 4.29
CA VAL A 34 16.30 -16.09 3.19
C VAL A 34 16.02 -14.75 2.52
N ALA A 35 17.06 -13.94 2.32
CA ALA A 35 16.95 -12.65 1.65
C ALA A 35 17.55 -12.71 0.26
N VAL A 36 17.08 -11.79 -0.59
CA VAL A 36 17.65 -11.58 -1.92
C VAL A 36 17.97 -10.09 -2.05
N TYR A 37 19.06 -9.78 -2.74
CA TYR A 37 19.49 -8.39 -2.85
C TYR A 37 20.19 -8.16 -4.18
N ALA A 38 20.01 -6.97 -4.72
CA ALA A 38 20.74 -6.54 -5.90
C ALA A 38 22.13 -6.06 -5.52
N ARG A 39 22.98 -5.89 -6.52
CA ARG A 39 24.34 -5.41 -6.28
C ARG A 39 24.32 -3.98 -5.74
N GLU A 40 23.46 -3.13 -6.29
CA GLU A 40 23.38 -1.75 -5.81
C GLU A 40 22.69 -1.68 -4.45
N ASP A 41 21.99 -2.75 -4.06
CA ASP A 41 21.37 -2.86 -2.74
C ASP A 41 22.21 -3.67 -1.78
N GLU A 42 23.54 -3.63 -1.92
CA GLU A 42 24.40 -4.49 -1.11
C GLU A 42 24.46 -4.03 0.34
N TYR A 43 24.25 -2.74 0.58
CA TYR A 43 24.29 -2.21 1.94
C TYR A 43 22.92 -2.06 2.56
N SER A 44 21.89 -2.67 1.97
CA SER A 44 20.56 -2.60 2.54
C SER A 44 20.49 -3.36 3.85
N VAL A 45 19.64 -2.88 4.76
CA VAL A 45 19.48 -3.50 6.07
C VAL A 45 18.90 -4.91 5.95
N HIS A 46 18.00 -5.11 4.99
CA HIS A 46 17.28 -6.37 4.89
C HIS A 46 18.19 -7.53 4.48
N ARG A 47 19.33 -7.22 3.87
CA ARG A 47 20.26 -8.29 3.50
C ARG A 47 20.85 -8.96 4.73
N PHE A 48 21.28 -8.18 5.71
CA PHE A 48 21.92 -8.71 6.90
C PHE A 48 20.95 -9.09 7.99
N LYS A 49 19.66 -8.83 7.81
CA LYS A 49 18.64 -9.18 8.79
C LYS A 49 18.13 -10.60 8.61
N ALA A 50 18.64 -11.35 7.64
CA ALA A 50 18.18 -12.68 7.34
C ALA A 50 19.24 -13.71 7.68
N ASP A 51 18.82 -14.98 7.76
CA ASP A 51 19.77 -16.06 8.00
C ASP A 51 20.68 -16.27 6.80
N GLU A 52 20.11 -16.30 5.60
CA GLU A 52 20.88 -16.44 4.37
C GLU A 52 20.51 -15.31 3.42
N SER A 53 21.51 -14.84 2.67
CA SER A 53 21.33 -13.79 1.70
C SER A 53 22.03 -14.18 0.41
N TYR A 54 21.35 -13.97 -0.71
CA TYR A 54 21.89 -14.33 -2.02
C TYR A 54 21.71 -13.18 -2.99
N LEU A 55 22.75 -12.91 -3.78
CA LEU A 55 22.67 -11.86 -4.77
C LEU A 55 21.84 -12.31 -5.97
N ILE A 56 20.92 -11.45 -6.39
CA ILE A 56 20.03 -11.75 -7.51
C ILE A 56 20.23 -10.70 -8.58
N GLY A 57 19.96 -11.10 -9.83
CA GLY A 57 20.00 -10.19 -10.95
C GLY A 57 21.36 -9.58 -11.21
N GLN A 58 22.39 -10.42 -11.24
CA GLN A 58 23.74 -9.94 -11.47
C GLN A 58 23.88 -9.40 -12.89
N GLY A 59 24.44 -8.20 -13.02
CA GLY A 59 24.59 -7.57 -14.31
C GLY A 59 23.32 -6.95 -14.86
N LYS A 60 22.38 -6.60 -13.99
CA LYS A 60 21.12 -5.99 -14.39
C LYS A 60 20.93 -4.67 -13.66
N LYS A 61 19.93 -3.92 -14.08
CA LYS A 61 19.45 -2.81 -13.27
C LYS A 61 18.86 -3.36 -11.97
N PRO A 62 19.05 -2.65 -10.86
CA PRO A 62 18.58 -3.19 -9.57
C PRO A 62 17.08 -3.42 -9.49
N ILE A 63 16.29 -2.55 -10.13
CA ILE A 63 14.84 -2.76 -10.18
C ILE A 63 14.52 -4.01 -10.97
N ASP A 64 15.14 -4.19 -12.14
CA ASP A 64 14.93 -5.41 -12.90
C ASP A 64 15.55 -6.62 -12.21
N ALA A 65 16.58 -6.39 -11.38
CA ALA A 65 17.13 -7.47 -10.58
C ALA A 65 16.13 -7.97 -9.57
N TYR A 66 15.42 -7.05 -8.91
CA TYR A 66 14.37 -7.47 -7.98
C TYR A 66 13.12 -7.96 -8.70
N LEU A 67 12.97 -7.66 -9.98
CA LEU A 67 11.82 -8.06 -10.77
C LEU A 67 12.05 -9.36 -11.55
N ASP A 68 13.22 -9.98 -11.41
CA ASP A 68 13.56 -11.16 -12.21
C ASP A 68 12.98 -12.39 -11.54
N ILE A 69 11.97 -12.99 -12.18
CA ILE A 69 11.26 -14.12 -11.60
C ILE A 69 12.16 -15.34 -11.53
N ASP A 70 12.88 -15.62 -12.62
CA ASP A 70 13.64 -16.86 -12.72
C ASP A 70 14.80 -16.90 -11.75
N ASP A 71 15.49 -15.77 -11.56
CA ASP A 71 16.59 -15.74 -10.60
C ASP A 71 16.09 -15.92 -9.17
N ILE A 72 14.95 -15.31 -8.84
CA ILE A 72 14.39 -15.46 -7.49
C ILE A 72 13.97 -16.90 -7.25
N ILE A 73 13.35 -17.54 -8.26
CA ILE A 73 12.94 -18.93 -8.10
C ILE A 73 14.16 -19.85 -8.00
N ARG A 74 15.20 -19.57 -8.79
CA ARG A 74 16.43 -20.35 -8.69
C ARG A 74 17.08 -20.21 -7.32
N VAL A 75 17.09 -19.00 -6.79
CA VAL A 75 17.66 -18.78 -5.46
C VAL A 75 16.84 -19.51 -4.40
N ALA A 76 15.51 -19.48 -4.53
CA ALA A 76 14.65 -20.15 -3.57
C ALA A 76 14.82 -21.67 -3.62
N LEU A 77 15.06 -22.22 -4.81
CA LEU A 77 15.24 -23.66 -4.92
C LEU A 77 16.62 -24.10 -4.46
N GLU A 78 17.67 -23.32 -4.80
CA GLU A 78 19.02 -23.66 -4.33
C GLU A 78 19.15 -23.50 -2.82
N SER A 79 18.55 -22.45 -2.27
CA SER A 79 18.62 -22.25 -0.82
C SER A 79 17.76 -23.24 -0.07
N GLY A 80 16.72 -23.77 -0.73
CA GLY A 80 15.81 -24.69 -0.09
C GLY A 80 14.60 -24.05 0.54
N ALA A 81 14.25 -22.83 0.14
CA ALA A 81 13.08 -22.17 0.69
C ALA A 81 11.81 -22.85 0.23
N ASP A 82 10.92 -23.15 1.17
CA ASP A 82 9.64 -23.77 0.86
C ASP A 82 8.53 -22.76 0.64
N ALA A 83 8.81 -21.47 0.85
CA ALA A 83 7.79 -20.45 0.67
C ALA A 83 8.45 -19.18 0.16
N ILE A 84 7.67 -18.39 -0.57
CA ILE A 84 8.11 -17.11 -1.08
C ILE A 84 7.08 -16.07 -0.68
N HIS A 85 7.50 -15.09 0.13
CA HIS A 85 6.66 -13.95 0.45
C HIS A 85 7.09 -12.78 -0.43
N PRO A 86 6.21 -12.25 -1.27
CA PRO A 86 6.62 -11.18 -2.20
C PRO A 86 6.51 -9.76 -1.64
N GLY A 87 6.01 -9.59 -0.42
CA GLY A 87 5.91 -8.25 0.14
C GLY A 87 4.85 -7.42 -0.55
N TYR A 88 5.09 -6.12 -0.67
CA TYR A 88 4.26 -5.25 -1.47
C TYR A 88 5.09 -4.68 -2.61
N GLY A 89 4.43 -4.37 -3.72
CA GLY A 89 5.12 -3.86 -4.87
C GLY A 89 5.97 -4.93 -5.52
N LEU A 90 6.73 -4.50 -6.53
CA LEU A 90 7.65 -5.36 -7.31
C LEU A 90 6.83 -6.48 -7.92
N LEU A 91 7.01 -7.74 -7.50
CA LEU A 91 6.27 -8.88 -8.05
C LEU A 91 5.21 -9.39 -7.10
N SER A 92 4.66 -8.52 -6.24
CA SER A 92 3.67 -8.98 -5.27
C SER A 92 2.35 -9.34 -5.96
N GLU A 93 1.98 -8.60 -6.98
CA GLU A 93 0.75 -8.84 -7.71
C GLU A 93 0.98 -9.50 -9.06
N ASN A 94 2.23 -9.87 -9.36
CA ASN A 94 2.56 -10.41 -10.67
C ASN A 94 1.99 -11.81 -10.81
N LEU A 95 1.11 -11.98 -11.81
CA LEU A 95 0.49 -13.29 -12.05
C LEU A 95 1.53 -14.31 -12.51
N GLU A 96 2.47 -13.90 -13.36
CA GLU A 96 3.48 -14.84 -13.84
C GLU A 96 4.40 -15.29 -12.71
N PHE A 97 4.75 -14.38 -11.80
CA PHE A 97 5.58 -14.74 -10.66
C PHE A 97 4.90 -15.79 -9.79
N ALA A 98 3.64 -15.55 -9.42
CA ALA A 98 2.93 -16.48 -8.55
C ALA A 98 2.67 -17.81 -9.26
N THR A 99 2.36 -17.76 -10.56
CA THR A 99 2.14 -18.98 -11.34
C THR A 99 3.39 -19.82 -11.40
N LYS A 100 4.55 -19.19 -11.65
CA LYS A 100 5.79 -19.94 -11.75
C LYS A 100 6.24 -20.44 -10.38
N VAL A 101 5.95 -19.68 -9.32
CA VAL A 101 6.29 -20.12 -7.96
C VAL A 101 5.49 -21.36 -7.60
N ARG A 102 4.19 -21.35 -7.87
CA ARG A 102 3.36 -22.51 -7.58
C ARG A 102 3.66 -23.66 -8.52
N ALA A 103 4.16 -23.36 -9.72
CA ALA A 103 4.59 -24.42 -10.62
C ALA A 103 5.85 -25.10 -10.12
N ALA A 104 6.74 -24.32 -9.48
CA ALA A 104 7.98 -24.89 -8.96
C ALA A 104 7.75 -25.73 -7.70
N GLY A 105 6.52 -25.75 -7.17
CA GLY A 105 6.20 -26.47 -5.97
C GLY A 105 6.32 -25.66 -4.70
N LEU A 106 6.80 -24.43 -4.78
CA LEU A 106 6.94 -23.60 -3.60
C LEU A 106 5.60 -22.98 -3.22
N VAL A 107 5.53 -22.49 -1.99
CA VAL A 107 4.33 -21.81 -1.52
C VAL A 107 4.44 -20.32 -1.82
N PHE A 108 3.45 -19.78 -2.51
CA PHE A 108 3.35 -18.35 -2.74
C PHE A 108 2.48 -17.76 -1.64
N VAL A 109 3.07 -16.90 -0.81
CA VAL A 109 2.32 -16.30 0.28
C VAL A 109 1.48 -15.17 -0.30
N GLY A 110 0.26 -15.50 -0.70
CA GLY A 110 -0.61 -14.57 -1.34
C GLY A 110 -1.93 -15.22 -1.70
N PRO A 111 -2.77 -14.51 -2.45
CA PRO A 111 -4.08 -15.07 -2.83
C PRO A 111 -3.93 -16.11 -3.92
N GLU A 112 -5.07 -16.70 -4.28
CA GLU A 112 -5.11 -17.69 -5.34
C GLU A 112 -4.93 -16.98 -6.69
N LEU A 113 -4.52 -17.76 -7.70
CA LEU A 113 -4.16 -17.19 -9.00
C LEU A 113 -5.34 -16.50 -9.67
N HIS A 114 -6.55 -17.03 -9.46
CA HIS A 114 -7.72 -16.41 -10.06
C HIS A 114 -8.02 -15.05 -9.43
N HIS A 115 -7.76 -14.91 -8.14
CA HIS A 115 -7.89 -13.60 -7.50
C HIS A 115 -6.91 -12.59 -8.08
N LEU A 116 -5.68 -13.02 -8.32
CA LEU A 116 -4.68 -12.14 -8.92
C LEU A 116 -5.08 -11.76 -10.34
N ASP A 117 -5.64 -12.71 -11.09
CA ASP A 117 -6.12 -12.41 -12.45
C ASP A 117 -7.28 -11.42 -12.42
N ILE A 118 -8.23 -11.62 -11.51
CA ILE A 118 -9.41 -10.76 -11.46
C ILE A 118 -9.03 -9.36 -11.02
N PHE A 119 -8.24 -9.25 -9.96
CA PHE A 119 -7.94 -7.95 -9.36
C PHE A 119 -6.69 -7.31 -9.94
N GLY A 120 -6.05 -7.94 -10.92
CA GLY A 120 -5.00 -7.27 -11.66
C GLY A 120 -5.55 -6.25 -12.64
N ASP A 121 -6.72 -6.52 -13.19
CA ASP A 121 -7.37 -5.64 -14.15
C ASP A 121 -8.52 -4.90 -13.46
N LYS A 122 -8.64 -3.60 -13.74
CA LYS A 122 -9.68 -2.82 -13.08
C LYS A 122 -11.06 -3.10 -13.68
N ILE A 123 -11.12 -3.44 -14.97
CA ILE A 123 -12.39 -3.84 -15.59
C ILE A 123 -12.88 -5.15 -14.99
N LYS A 124 -11.97 -6.12 -14.84
CA LYS A 124 -12.36 -7.40 -14.25
C LYS A 124 -12.75 -7.24 -12.80
N ALA A 125 -12.04 -6.38 -12.06
CA ALA A 125 -12.39 -6.13 -10.66
C ALA A 125 -13.75 -5.44 -10.55
N LYS A 126 -14.02 -4.47 -11.42
CA LYS A 126 -15.31 -3.80 -11.43
C LYS A 126 -16.43 -4.77 -11.76
N ALA A 127 -16.20 -5.68 -12.72
CA ALA A 127 -17.18 -6.70 -13.04
C ALA A 127 -17.43 -7.62 -11.87
N ALA A 128 -16.35 -8.03 -11.17
CA ALA A 128 -16.51 -8.89 -10.00
C ALA A 128 -17.28 -8.21 -8.89
N ALA A 129 -17.06 -6.90 -8.70
CA ALA A 129 -17.84 -6.15 -7.73
C ALA A 129 -19.30 -6.04 -8.15
N ASP A 130 -19.56 -5.98 -9.45
CA ASP A 130 -20.93 -5.96 -9.93
C ASP A 130 -21.63 -7.29 -9.66
N GLU A 131 -20.94 -8.42 -9.88
CA GLU A 131 -21.54 -9.71 -9.55
C GLU A 131 -21.67 -9.90 -8.05
N ALA A 132 -20.83 -9.20 -7.27
CA ALA A 132 -20.94 -9.25 -5.82
C ALA A 132 -21.92 -8.24 -5.26
N LYS A 133 -22.63 -7.51 -6.12
CA LYS A 133 -23.57 -6.45 -5.75
C LYS A 133 -22.90 -5.35 -4.92
N VAL A 134 -21.65 -5.03 -5.21
CA VAL A 134 -20.95 -3.91 -4.61
C VAL A 134 -20.96 -2.77 -5.62
N PRO A 135 -21.62 -1.64 -5.33
CA PRO A 135 -21.75 -0.59 -6.34
C PRO A 135 -20.44 0.14 -6.63
N GLY A 136 -19.98 0.04 -7.87
CA GLY A 136 -18.79 0.76 -8.28
C GLY A 136 -19.11 2.19 -8.68
N ILE A 137 -18.08 2.87 -9.14
CA ILE A 137 -18.22 4.24 -9.65
C ILE A 137 -18.96 4.17 -10.98
N PRO A 138 -20.00 4.98 -11.19
CA PRO A 138 -20.66 5.01 -12.51
C PRO A 138 -19.69 5.45 -13.60
N GLY A 139 -19.37 4.52 -14.50
CA GLY A 139 -18.43 4.79 -15.55
C GLY A 139 -18.80 3.98 -16.77
N THR A 140 -17.93 4.03 -17.78
CA THR A 140 -18.22 3.33 -19.02
C THR A 140 -18.00 1.83 -18.82
N ASN A 141 -18.63 1.03 -19.68
CA ASN A 141 -18.48 -0.41 -19.57
C ASN A 141 -17.18 -0.86 -20.23
N GLY A 142 -16.30 -1.45 -19.43
CA GLY A 142 -15.01 -1.90 -19.93
C GLY A 142 -14.14 -0.73 -20.32
N ALA A 143 -13.14 -1.00 -21.15
CA ALA A 143 -12.20 0.00 -21.61
C ALA A 143 -12.60 0.43 -23.01
N VAL A 144 -12.69 1.75 -23.23
CA VAL A 144 -13.17 2.28 -24.49
C VAL A 144 -12.07 3.08 -25.17
N ASP A 145 -12.32 3.48 -26.41
CA ASP A 145 -11.43 4.34 -27.16
C ASP A 145 -11.65 5.79 -26.76
N ILE A 146 -11.06 6.71 -27.54
CA ILE A 146 -11.22 8.13 -27.24
C ILE A 146 -12.65 8.59 -27.53
N ASP A 147 -13.24 8.12 -28.63
CA ASP A 147 -14.58 8.59 -28.99
C ASP A 147 -15.67 7.99 -28.11
N GLY A 148 -15.51 6.74 -27.67
CA GLY A 148 -16.44 6.16 -26.72
C GLY A 148 -16.38 6.89 -25.38
N ALA A 149 -15.16 7.28 -25.00
CA ALA A 149 -14.98 8.08 -23.80
C ALA A 149 -15.66 9.44 -23.93
N LEU A 150 -15.53 10.07 -25.10
CA LEU A 150 -16.20 11.33 -25.34
C LEU A 150 -17.72 11.17 -25.30
N GLU A 151 -18.22 10.05 -25.83
CA GLU A 151 -19.65 9.77 -25.75
C GLU A 151 -20.10 9.62 -24.30
N PHE A 152 -19.29 8.95 -23.48
CA PHE A 152 -19.59 8.83 -22.05
C PHE A 152 -19.62 10.20 -21.38
N ALA A 153 -18.69 11.07 -21.75
CA ALA A 153 -18.70 12.43 -21.24
C ALA A 153 -19.93 13.20 -21.71
N LYS A 154 -20.45 12.86 -22.89
CA LYS A 154 -21.66 13.49 -23.38
C LYS A 154 -22.88 13.06 -22.57
N THR A 155 -23.03 11.75 -22.32
CA THR A 155 -24.27 11.30 -21.69
C THR A 155 -24.27 11.58 -20.18
N TYR A 156 -23.11 11.50 -19.53
CA TYR A 156 -23.05 11.62 -18.08
C TYR A 156 -22.57 12.99 -17.59
N GLY A 157 -21.76 13.69 -18.37
CA GLY A 157 -21.37 15.03 -18.02
C GLY A 157 -20.04 15.10 -17.30
N TYR A 158 -19.44 16.28 -17.37
CA TYR A 158 -18.19 16.54 -16.68
C TYR A 158 -18.45 16.73 -15.18
N PRO A 159 -17.46 16.44 -14.32
CA PRO A 159 -16.09 15.95 -14.57
C PRO A 159 -16.00 14.46 -14.90
N VAL A 160 -14.94 14.06 -15.59
CA VAL A 160 -14.73 12.69 -16.00
C VAL A 160 -13.30 12.31 -15.62
N MET A 161 -13.12 11.16 -14.99
CA MET A 161 -11.83 10.73 -14.49
C MET A 161 -11.28 9.67 -15.44
N ILE A 162 -10.08 9.89 -15.99
CA ILE A 162 -9.48 8.99 -16.96
C ILE A 162 -8.44 8.15 -16.24
N LYS A 163 -8.70 6.83 -16.16
CA LYS A 163 -7.82 5.90 -15.47
C LYS A 163 -7.49 4.74 -16.41
N ALA A 164 -6.20 4.46 -16.59
CA ALA A 164 -5.79 3.26 -17.28
C ALA A 164 -6.08 2.04 -16.42
N ALA A 165 -6.33 0.91 -17.08
CA ALA A 165 -6.64 -0.33 -16.36
C ALA A 165 -5.47 -0.79 -15.50
N LEU A 166 -4.26 -0.73 -16.06
CA LEU A 166 -3.08 -1.17 -15.32
C LEU A 166 -2.40 -0.02 -14.61
N GLY A 167 -2.94 1.20 -14.75
CA GLY A 167 -2.37 2.37 -14.10
C GLY A 167 -2.47 2.29 -12.59
N GLY A 168 -1.32 2.28 -11.93
CA GLY A 168 -1.29 2.19 -10.49
C GLY A 168 -0.34 3.22 -9.91
N GLY A 169 -0.71 3.74 -8.75
CA GLY A 169 0.06 4.80 -8.12
C GLY A 169 0.05 6.10 -8.89
N GLY A 170 -1.09 6.44 -9.51
CA GLY A 170 -1.25 7.71 -10.19
C GLY A 170 -0.49 7.86 -11.49
N ARG A 171 -0.13 6.76 -12.15
CA ARG A 171 0.67 6.85 -13.36
C ARG A 171 -0.16 7.35 -14.54
N GLY A 172 -1.21 6.61 -14.90
CA GLY A 172 -2.01 6.95 -16.06
C GLY A 172 -3.27 7.71 -15.71
N MET A 173 -3.38 8.10 -14.44
CA MET A 173 -4.61 8.68 -13.93
C MET A 173 -4.61 10.19 -14.06
N ARG A 174 -5.67 10.74 -14.67
CA ARG A 174 -5.73 12.19 -14.91
C ARG A 174 -7.16 12.71 -15.09
N VAL A 175 -7.46 13.84 -14.44
CA VAL A 175 -8.80 14.43 -14.40
C VAL A 175 -9.09 15.16 -15.70
N ALA A 176 -10.36 15.39 -16.01
CA ALA A 176 -10.75 16.21 -17.15
C ALA A 176 -12.10 16.86 -16.87
N ARG A 177 -12.26 18.11 -17.33
CA ARG A 177 -13.53 18.82 -17.26
C ARG A 177 -13.87 19.51 -18.59
N ASN A 178 -12.91 19.58 -19.51
CA ASN A 178 -13.14 20.18 -20.82
C ASN A 178 -12.76 19.19 -21.91
N ASP A 179 -13.35 19.40 -23.09
CA ASP A 179 -13.20 18.45 -24.20
C ASP A 179 -11.76 18.39 -24.69
N ALA A 180 -11.10 19.55 -24.81
CA ALA A 180 -9.69 19.57 -25.20
C ALA A 180 -8.82 18.93 -24.12
N GLU A 181 -9.09 19.28 -22.87
CA GLU A 181 -8.37 18.70 -21.74
C GLU A 181 -8.56 17.18 -21.69
N MET A 182 -9.73 16.71 -22.10
CA MET A 182 -9.99 15.28 -22.06
C MET A 182 -9.19 14.55 -23.15
N HIS A 183 -9.02 15.21 -24.31
CA HIS A 183 -8.14 14.69 -25.34
C HIS A 183 -6.69 14.63 -24.84
N ASP A 184 -6.26 15.69 -24.15
CA ASP A 184 -4.89 15.72 -23.60
C ASP A 184 -4.68 14.62 -22.57
N GLY A 185 -5.66 14.43 -21.68
CA GLY A 185 -5.61 13.41 -20.67
C GLY A 185 -5.59 12.01 -21.25
N TYR A 186 -6.42 11.77 -22.28
CA TYR A 186 -6.41 10.47 -22.93
C TYR A 186 -5.08 10.20 -23.62
N ALA A 187 -4.50 11.22 -24.25
CA ALA A 187 -3.21 11.06 -24.91
C ALA A 187 -2.11 10.69 -23.91
N ARG A 188 -2.03 11.46 -22.82
CA ARG A 188 -1.02 11.19 -21.80
C ARG A 188 -1.22 9.83 -21.13
N ALA A 189 -2.48 9.48 -20.85
CA ALA A 189 -2.77 8.20 -20.22
C ALA A 189 -2.44 7.03 -21.15
N LYS A 190 -2.70 7.19 -22.45
CA LYS A 190 -2.31 6.18 -23.42
C LYS A 190 -0.81 6.01 -23.46
N SER A 191 -0.07 7.11 -23.45
CA SER A 191 1.39 7.04 -23.47
C SER A 191 1.93 6.36 -22.21
N GLU A 192 1.35 6.69 -21.05
CA GLU A 192 1.82 6.09 -19.80
C GLU A 192 1.44 4.61 -19.72
N ALA A 193 0.30 4.23 -20.30
CA ALA A 193 -0.12 2.84 -20.25
C ALA A 193 0.71 1.97 -21.18
N ILE A 194 1.02 2.47 -22.37
CA ILE A 194 1.88 1.71 -23.29
C ILE A 194 3.31 1.65 -22.75
N GLY A 195 3.80 2.77 -22.21
CA GLY A 195 5.18 2.80 -21.74
C GLY A 195 5.42 1.92 -20.53
N ALA A 196 4.51 1.95 -19.55
CA ALA A 196 4.78 1.28 -18.28
C ALA A 196 4.33 -0.17 -18.31
N PHE A 197 3.15 -0.45 -18.86
CA PHE A 197 2.56 -1.78 -18.79
C PHE A 197 2.38 -2.45 -20.15
N GLY A 198 2.52 -1.71 -21.25
CA GLY A 198 2.42 -2.30 -22.57
C GLY A 198 1.02 -2.58 -23.06
N SER A 199 -0.01 -2.24 -22.29
CA SER A 199 -1.40 -2.46 -22.67
C SER A 199 -2.19 -1.19 -22.43
N GLY A 200 -2.67 -0.58 -23.50
CA GLY A 200 -3.43 0.65 -23.39
C GLY A 200 -4.92 0.42 -23.24
N GLU A 201 -5.32 -0.13 -22.10
CA GLU A 201 -6.73 -0.30 -21.76
C GLU A 201 -7.11 0.86 -20.85
N ILE A 202 -7.90 1.78 -21.38
CA ILE A 202 -8.31 2.99 -20.66
C ILE A 202 -9.82 2.96 -20.50
N TYR A 203 -10.28 3.09 -19.26
CA TYR A 203 -11.69 3.23 -18.96
C TYR A 203 -11.90 4.58 -18.29
N VAL A 204 -12.97 5.27 -18.67
CA VAL A 204 -13.27 6.58 -18.13
C VAL A 204 -14.50 6.46 -17.23
N GLU A 205 -14.56 7.29 -16.20
CA GLU A 205 -15.62 7.21 -15.22
C GLU A 205 -15.90 8.58 -14.63
N LYS A 206 -17.07 8.70 -14.01
CA LYS A 206 -17.46 9.97 -13.40
C LYS A 206 -16.56 10.29 -12.22
N TYR A 207 -16.17 11.55 -12.12
CA TYR A 207 -15.18 12.01 -11.15
C TYR A 207 -15.92 12.52 -9.93
N ILE A 208 -15.83 11.77 -8.83
CA ILE A 208 -16.38 12.25 -7.57
C ILE A 208 -15.54 13.39 -7.05
N GLU A 209 -16.20 14.45 -6.61
CA GLU A 209 -15.50 15.59 -6.01
C GLU A 209 -15.52 15.45 -4.50
N ASN A 210 -14.37 15.76 -3.88
CA ASN A 210 -14.10 15.64 -2.45
C ASN A 210 -14.49 14.30 -1.83
N PRO A 211 -13.90 13.18 -2.24
CA PRO A 211 -14.23 11.91 -1.59
C PRO A 211 -13.27 11.59 -0.45
N LYS A 212 -13.61 10.55 0.29
CA LYS A 212 -12.71 9.97 1.28
C LYS A 212 -12.28 8.59 0.79
N HIS A 213 -10.98 8.35 0.74
CA HIS A 213 -10.44 7.08 0.27
C HIS A 213 -10.40 6.09 1.43
N ILE A 214 -11.52 5.41 1.63
CA ILE A 214 -11.59 4.37 2.66
C ILE A 214 -11.17 3.03 2.07
N GLU A 215 -10.32 2.32 2.82
CA GLU A 215 -9.92 0.99 2.40
C GLU A 215 -10.12 0.04 3.58
N VAL A 216 -10.46 -1.21 3.27
CA VAL A 216 -10.80 -2.22 4.27
C VAL A 216 -9.81 -3.37 4.16
N GLN A 217 -9.23 -3.75 5.30
CA GLN A 217 -8.32 -4.88 5.33
C GLN A 217 -9.09 -6.18 5.48
N ILE A 218 -8.77 -7.16 4.63
CA ILE A 218 -9.45 -8.44 4.60
C ILE A 218 -8.43 -9.56 4.77
N LEU A 219 -8.74 -10.52 5.64
CA LEU A 219 -7.97 -11.75 5.78
C LEU A 219 -8.84 -12.90 5.30
N GLY A 220 -8.38 -13.61 4.28
CA GLY A 220 -9.09 -14.78 3.80
C GLY A 220 -8.38 -16.07 4.12
N ASP A 221 -9.17 -17.12 4.28
CA ASP A 221 -8.65 -18.43 4.67
C ASP A 221 -9.04 -19.44 3.59
N ARG A 222 -8.21 -20.48 3.47
CA ARG A 222 -8.47 -21.53 2.49
C ARG A 222 -9.68 -22.36 2.87
N HIS A 223 -10.05 -22.36 4.16
CA HIS A 223 -11.22 -23.10 4.59
C HIS A 223 -12.51 -22.39 4.18
N GLY A 224 -12.45 -21.08 4.01
CA GLY A 224 -13.63 -20.32 3.62
C GLY A 224 -13.95 -19.21 4.61
N ASN A 225 -13.17 -19.10 5.67
CA ASN A 225 -13.37 -18.05 6.66
C ASN A 225 -12.81 -16.75 6.13
N ILE A 226 -13.65 -15.72 6.06
CA ILE A 226 -13.25 -14.40 5.59
C ILE A 226 -13.71 -13.38 6.61
N ILE A 227 -12.76 -12.60 7.15
CA ILE A 227 -13.06 -11.57 8.12
C ILE A 227 -12.41 -10.27 7.65
N HIS A 228 -12.98 -9.15 8.08
CA HIS A 228 -12.33 -7.87 7.91
C HIS A 228 -11.70 -7.43 9.23
N LEU A 229 -10.72 -6.53 9.13
CA LEU A 229 -10.00 -6.01 10.26
C LEU A 229 -10.20 -4.51 10.36
N HIS A 230 -11.45 -4.08 10.23
CA HIS A 230 -11.88 -2.69 10.19
C HIS A 230 -11.27 -1.98 8.99
N GLU A 231 -11.33 -0.66 8.95
CA GLU A 231 -10.99 0.10 7.76
C GLU A 231 -9.97 1.17 8.09
N ARG A 232 -9.14 1.52 7.11
CA ARG A 232 -8.26 2.67 7.23
C ARG A 232 -8.78 3.81 6.37
N ASP A 233 -8.38 5.03 6.72
CA ASP A 233 -8.71 6.21 5.94
C ASP A 233 -7.42 6.76 5.34
N CYS A 234 -7.30 6.67 4.02
CA CYS A 234 -6.14 7.17 3.30
C CYS A 234 -6.47 8.41 2.49
N SER A 235 -7.30 9.31 3.03
CA SER A 235 -7.76 10.46 2.26
C SER A 235 -6.66 11.50 2.09
N VAL A 236 -5.72 11.58 3.03
CA VAL A 236 -4.66 12.57 2.94
C VAL A 236 -3.73 12.17 1.80
N GLN A 237 -3.85 12.85 0.67
CA GLN A 237 -3.14 12.46 -0.54
C GLN A 237 -2.62 13.70 -1.25
N ARG A 238 -1.38 13.60 -1.74
CA ARG A 238 -0.80 14.64 -2.59
C ARG A 238 -0.73 14.11 -4.00
N ARG A 239 -1.57 14.67 -4.88
CA ARG A 239 -1.65 14.29 -6.30
C ARG A 239 -1.95 12.80 -6.43
N ASN A 240 -2.97 12.35 -5.70
CA ASN A 240 -3.47 10.98 -5.66
C ASN A 240 -2.44 9.97 -5.18
N GLN A 241 -1.42 10.40 -4.44
CA GLN A 241 -0.47 9.52 -3.80
C GLN A 241 -0.63 9.67 -2.29
N LYS A 242 -0.81 8.53 -1.60
CA LYS A 242 -1.10 8.56 -0.18
C LYS A 242 0.09 9.11 0.61
N VAL A 243 -0.21 10.01 1.54
CA VAL A 243 0.81 10.64 2.36
C VAL A 243 0.66 10.14 3.79
N ILE A 244 -0.51 10.36 4.37
CA ILE A 244 -0.80 9.98 5.75
C ILE A 244 -2.07 9.14 5.76
N GLU A 245 -1.99 7.97 6.37
CA GLU A 245 -3.12 7.07 6.50
C GLU A 245 -3.48 6.94 7.98
N ILE A 246 -4.76 7.12 8.30
CA ILE A 246 -5.25 6.99 9.67
C ILE A 246 -6.17 5.79 9.72
N ALA A 247 -6.28 5.19 10.89
CA ALA A 247 -7.15 4.05 11.10
C ALA A 247 -7.64 4.03 12.54
N PRO A 248 -8.95 3.89 12.77
CA PRO A 248 -10.03 3.82 11.80
C PRO A 248 -10.43 5.20 11.29
N ALA A 249 -11.39 5.28 10.37
CA ALA A 249 -11.84 6.58 9.88
C ALA A 249 -12.67 7.25 10.97
N VAL A 250 -12.03 8.10 11.76
CA VAL A 250 -12.70 8.72 12.90
C VAL A 250 -13.71 9.76 12.42
N GLY A 251 -13.48 10.34 11.24
CA GLY A 251 -14.43 11.28 10.68
C GLY A 251 -15.74 10.62 10.29
N LEU A 252 -15.66 9.39 9.82
CA LEU A 252 -16.85 8.67 9.37
C LEU A 252 -17.61 8.10 10.57
N SER A 253 -18.92 7.98 10.40
CA SER A 253 -19.75 7.39 11.42
C SER A 253 -19.48 5.88 11.52
N PRO A 254 -19.52 5.30 12.73
CA PRO A 254 -19.20 3.86 12.88
C PRO A 254 -20.13 2.93 12.12
N ASP A 255 -21.42 3.27 12.02
CA ASP A 255 -22.35 2.44 11.26
C ASP A 255 -22.01 2.42 9.79
N PHE A 256 -21.62 3.59 9.25
CA PHE A 256 -21.20 3.68 7.85
C PHE A 256 -19.93 2.87 7.62
N ARG A 257 -18.99 2.93 8.56
CA ARG A 257 -17.78 2.12 8.46
C ARG A 257 -18.10 0.64 8.49
N ASN A 258 -19.07 0.25 9.33
CA ASN A 258 -19.50 -1.15 9.36
C ASN A 258 -20.11 -1.57 8.04
N GLU A 259 -20.90 -0.69 7.41
CA GLU A 259 -21.47 -1.02 6.10
C GLU A 259 -20.39 -1.18 5.04
N ILE A 260 -19.38 -0.30 5.06
CA ILE A 260 -18.28 -0.40 4.09
C ILE A 260 -17.49 -1.68 4.28
N CYS A 261 -17.18 -2.02 5.54
CA CYS A 261 -16.45 -3.24 5.82
C CYS A 261 -17.26 -4.49 5.46
N GLU A 262 -18.58 -4.45 5.70
CA GLU A 262 -19.44 -5.56 5.31
C GLU A 262 -19.53 -5.71 3.80
N ALA A 263 -19.53 -4.61 3.06
CA ALA A 263 -19.52 -4.69 1.60
C ALA A 263 -18.22 -5.29 1.09
N ALA A 264 -17.09 -4.91 1.70
CA ALA A 264 -15.81 -5.52 1.34
C ALA A 264 -15.80 -7.01 1.64
N VAL A 265 -16.36 -7.40 2.80
CA VAL A 265 -16.45 -8.81 3.16
C VAL A 265 -17.34 -9.56 2.17
N LYS A 266 -18.45 -8.95 1.75
CA LYS A 266 -19.35 -9.57 0.78
C LYS A 266 -18.67 -9.78 -0.56
N LEU A 267 -17.91 -8.80 -1.04
CA LEU A 267 -17.18 -8.96 -2.30
C LEU A 267 -16.14 -10.06 -2.19
N CYS A 268 -15.37 -10.08 -1.10
CA CYS A 268 -14.32 -11.08 -0.95
C CYS A 268 -14.92 -12.48 -0.78
N LYS A 269 -16.08 -12.56 -0.14
CA LYS A 269 -16.75 -13.85 0.03
C LYS A 269 -17.32 -14.35 -1.29
N ASN A 270 -17.82 -13.44 -2.12
CA ASN A 270 -18.30 -13.84 -3.43
C ASN A 270 -17.16 -14.33 -4.32
N VAL A 271 -16.01 -13.66 -4.28
CA VAL A 271 -14.88 -14.13 -5.06
C VAL A 271 -14.10 -15.26 -4.37
N GLY A 272 -14.46 -15.61 -3.14
CA GLY A 272 -13.77 -16.67 -2.43
C GLY A 272 -12.34 -16.33 -2.09
N TYR A 273 -12.10 -15.11 -1.63
CA TYR A 273 -10.74 -14.60 -1.48
C TYR A 273 -10.00 -15.30 -0.34
N VAL A 274 -8.70 -15.49 -0.53
CA VAL A 274 -7.84 -16.12 0.45
C VAL A 274 -6.64 -15.20 0.70
N ASN A 275 -5.98 -15.42 1.85
CA ASN A 275 -4.85 -14.63 2.33
C ASN A 275 -5.27 -13.19 2.59
N ALA A 276 -4.31 -12.26 2.62
CA ALA A 276 -4.58 -10.88 2.97
C ALA A 276 -4.91 -10.07 1.73
N GLY A 277 -5.84 -9.14 1.88
CA GLY A 277 -6.22 -8.27 0.78
C GLY A 277 -6.86 -7.01 1.30
N THR A 278 -6.83 -5.98 0.46
CA THR A 278 -7.37 -4.68 0.80
C THR A 278 -8.37 -4.26 -0.27
N VAL A 279 -9.59 -3.94 0.15
CA VAL A 279 -10.63 -3.45 -0.75
C VAL A 279 -10.74 -1.94 -0.56
N GLU A 280 -10.60 -1.20 -1.65
CA GLU A 280 -10.56 0.25 -1.60
C GLU A 280 -11.91 0.83 -2.02
N PHE A 281 -12.32 1.91 -1.34
CA PHE A 281 -13.61 2.54 -1.57
C PHE A 281 -13.42 4.05 -1.65
N LEU A 282 -14.34 4.72 -2.33
CA LEU A 282 -14.43 6.17 -2.33
C LEU A 282 -15.73 6.57 -1.64
N VAL A 283 -15.64 7.40 -0.62
CA VAL A 283 -16.76 7.72 0.25
C VAL A 283 -17.13 9.18 0.02
N LYS A 284 -18.40 9.42 -0.32
CA LYS A 284 -18.91 10.76 -0.51
C LYS A 284 -20.35 10.80 -0.01
N ASP A 285 -20.59 11.59 1.04
CA ASP A 285 -21.90 11.92 1.66
C ASP A 285 -22.88 10.74 1.68
N ASP A 286 -22.49 9.71 2.43
CA ASP A 286 -23.19 8.44 2.74
C ASP A 286 -23.22 7.47 1.57
N LYS A 287 -22.52 7.76 0.48
CA LYS A 287 -22.40 6.84 -0.64
C LYS A 287 -20.95 6.39 -0.77
N PHE A 288 -20.75 5.08 -0.80
CA PHE A 288 -19.43 4.51 -1.02
C PHE A 288 -19.42 3.78 -2.35
N TYR A 289 -18.29 3.85 -3.06
CA TYR A 289 -18.15 3.21 -4.36
C TYR A 289 -16.85 2.42 -4.39
N PHE A 290 -16.92 1.20 -4.90
CA PHE A 290 -15.73 0.36 -5.03
C PHE A 290 -14.84 0.89 -6.14
N ILE A 291 -13.52 0.89 -5.90
CA ILE A 291 -12.61 1.34 -6.94
C ILE A 291 -11.58 0.29 -7.35
N GLU A 292 -11.13 -0.54 -6.41
CA GLU A 292 -10.15 -1.58 -6.69
C GLU A 292 -9.97 -2.47 -5.47
N VAL A 293 -9.29 -3.60 -5.67
CA VAL A 293 -8.87 -4.50 -4.61
C VAL A 293 -7.36 -4.68 -4.74
N ASN A 294 -6.65 -4.49 -3.62
CA ASN A 294 -5.21 -4.77 -3.60
C ASN A 294 -4.98 -6.15 -3.00
N PRO A 295 -4.68 -7.16 -3.83
CA PRO A 295 -4.59 -8.54 -3.32
C PRO A 295 -3.21 -8.89 -2.77
N ARG A 296 -2.79 -8.13 -1.77
CA ARG A 296 -1.47 -8.27 -1.17
C ARG A 296 -1.49 -7.57 0.18
N VAL A 297 -0.43 -7.80 0.96
CA VAL A 297 -0.20 -6.99 2.14
C VAL A 297 0.16 -5.58 1.69
N GLN A 298 -0.45 -4.59 2.32
CA GLN A 298 -0.25 -3.20 1.93
C GLN A 298 0.80 -2.55 2.82
N VAL A 299 1.23 -1.36 2.41
CA VAL A 299 2.26 -0.63 3.14
C VAL A 299 1.73 -0.19 4.51
N GLU A 300 0.48 0.25 4.57
CA GLU A 300 -0.11 0.76 5.80
C GLU A 300 -0.87 -0.31 6.58
N HIS A 301 -0.47 -1.58 6.46
CA HIS A 301 -1.08 -2.62 7.28
C HIS A 301 -0.74 -2.47 8.76
N THR A 302 0.27 -1.67 9.08
CA THR A 302 0.73 -1.53 10.46
C THR A 302 -0.33 -0.90 11.35
N ILE A 303 -1.03 0.13 10.86
CA ILE A 303 -2.03 0.79 11.69
C ILE A 303 -3.24 -0.12 11.91
N THR A 304 -3.56 -0.96 10.92
CA THR A 304 -4.58 -1.98 11.11
C THR A 304 -4.15 -2.97 12.18
N GLU A 305 -2.86 -3.36 12.16
CA GLU A 305 -2.32 -4.22 13.20
C GLU A 305 -2.41 -3.57 14.57
N LEU A 306 -2.20 -2.26 14.64
CA LEU A 306 -2.28 -1.57 15.93
C LEU A 306 -3.71 -1.51 16.45
N ILE A 307 -4.67 -1.11 15.60
CA ILE A 307 -6.03 -0.92 16.07
C ILE A 307 -6.81 -2.21 16.17
N THR A 308 -6.28 -3.33 15.65
CA THR A 308 -6.94 -4.61 15.83
C THR A 308 -6.16 -5.61 16.66
N GLY A 309 -4.85 -5.39 16.87
CA GLY A 309 -4.06 -6.34 17.62
C GLY A 309 -3.72 -7.61 16.88
N VAL A 310 -3.94 -7.65 15.57
CA VAL A 310 -3.77 -8.85 14.76
C VAL A 310 -2.55 -8.67 13.88
N ASP A 311 -1.59 -9.57 14.01
CA ASP A 311 -0.38 -9.56 13.17
C ASP A 311 -0.79 -10.01 11.78
N ILE A 312 -0.79 -9.07 10.83
CA ILE A 312 -1.27 -9.36 9.48
C ILE A 312 -0.30 -10.27 8.74
N VAL A 313 1.01 -9.99 8.85
CA VAL A 313 2.00 -10.77 8.12
C VAL A 313 2.11 -12.18 8.68
N GLN A 314 2.04 -12.32 10.00
CA GLN A 314 2.04 -13.64 10.62
C GLN A 314 0.81 -14.43 10.21
N ALA A 315 -0.35 -13.76 10.15
CA ALA A 315 -1.56 -14.42 9.66
C ALA A 315 -1.42 -14.81 8.19
N GLN A 316 -0.73 -13.98 7.40
CA GLN A 316 -0.47 -14.32 6.00
C GLN A 316 0.33 -15.60 5.88
N ILE A 317 1.39 -15.71 6.67
CA ILE A 317 2.24 -16.90 6.64
C ILE A 317 1.46 -18.12 7.11
N LEU A 318 0.65 -17.97 8.15
CA LEU A 318 -0.11 -19.12 8.65
C LEU A 318 -1.22 -19.53 7.69
N ILE A 319 -1.82 -18.57 6.98
CA ILE A 319 -2.82 -18.91 5.97
C ILE A 319 -2.18 -19.61 4.79
N ALA A 320 -0.99 -19.16 4.39
CA ALA A 320 -0.25 -19.85 3.34
C ALA A 320 0.16 -21.25 3.81
N GLN A 321 0.35 -21.43 5.12
CA GLN A 321 0.54 -22.76 5.68
C GLN A 321 -0.73 -23.59 5.64
N GLY A 322 -1.88 -22.96 5.43
CA GLY A 322 -3.15 -23.65 5.41
C GLY A 322 -3.87 -23.71 6.73
N LYS A 323 -3.45 -22.93 7.72
CA LYS A 323 -4.08 -22.97 9.03
C LYS A 323 -5.49 -22.39 8.98
N ASP A 324 -6.35 -22.88 9.87
CA ASP A 324 -7.67 -22.27 10.03
C ASP A 324 -7.54 -20.89 10.66
N LEU A 325 -8.39 -19.98 10.19
CA LEU A 325 -8.29 -18.58 10.61
C LEU A 325 -8.69 -18.40 12.07
N HIS A 326 -9.69 -19.14 12.53
CA HIS A 326 -10.16 -19.02 13.91
C HIS A 326 -9.66 -20.15 14.79
N ARG A 327 -9.68 -21.38 14.30
CA ARG A 327 -9.30 -22.51 15.13
C ARG A 327 -7.79 -22.59 15.33
N GLU A 328 -7.02 -22.37 14.27
CA GLU A 328 -5.58 -22.60 14.32
C GLU A 328 -4.79 -21.32 14.53
N ILE A 329 -5.09 -20.27 13.76
CA ILE A 329 -4.45 -18.98 13.99
C ILE A 329 -4.93 -18.38 15.30
N GLY A 330 -6.20 -18.54 15.61
CA GLY A 330 -6.73 -18.04 16.86
C GLY A 330 -7.40 -16.70 16.78
N LEU A 331 -7.69 -16.20 15.58
CA LEU A 331 -8.40 -14.94 15.46
C LEU A 331 -9.84 -15.11 15.95
N PRO A 332 -10.40 -14.11 16.62
CA PRO A 332 -11.77 -14.25 17.12
C PRO A 332 -12.78 -14.09 16.00
N ALA A 333 -14.05 -14.15 16.38
CA ALA A 333 -15.12 -13.91 15.43
C ALA A 333 -15.12 -12.45 15.00
N GLN A 334 -15.85 -12.18 13.91
CA GLN A 334 -15.86 -10.84 13.33
C GLN A 334 -16.44 -9.81 14.28
N SER A 335 -17.47 -10.18 15.02
CA SER A 335 -18.03 -9.29 16.03
C SER A 335 -17.04 -9.05 17.17
N GLU A 336 -16.15 -10.01 17.41
CA GLU A 336 -15.18 -9.91 18.49
C GLU A 336 -13.83 -9.33 18.04
N ILE A 337 -13.71 -8.91 16.78
CA ILE A 337 -12.49 -8.24 16.34
C ILE A 337 -12.47 -6.86 17.00
N PRO A 338 -11.46 -6.54 17.80
CA PRO A 338 -11.51 -5.31 18.60
C PRO A 338 -11.00 -4.09 17.85
N LEU A 339 -11.57 -2.94 18.22
CA LEU A 339 -11.06 -1.65 17.77
C LEU A 339 -10.37 -1.02 18.98
N LEU A 340 -9.07 -1.31 19.10
CA LEU A 340 -8.33 -0.95 20.30
C LEU A 340 -8.10 0.54 20.40
N GLY A 341 -7.82 1.20 19.29
CA GLY A 341 -7.54 2.62 19.35
C GLY A 341 -7.62 3.25 17.98
N SER A 342 -6.88 4.34 17.83
CA SER A 342 -6.84 5.14 16.60
C SER A 342 -5.38 5.40 16.25
N ALA A 343 -4.95 4.88 15.12
CA ALA A 343 -3.54 4.97 14.75
C ALA A 343 -3.34 5.81 13.50
N ILE A 344 -2.16 6.43 13.41
CA ILE A 344 -1.77 7.27 12.29
C ILE A 344 -0.48 6.71 11.71
N GLN A 345 -0.40 6.65 10.38
CA GLN A 345 0.83 6.24 9.70
C GLN A 345 1.39 7.40 8.92
N CYS A 346 2.71 7.61 9.03
CA CYS A 346 3.45 8.56 8.22
C CYS A 346 4.71 7.88 7.71
N ARG A 347 4.93 7.92 6.40
CA ARG A 347 6.16 7.40 5.82
C ARG A 347 7.13 8.56 5.64
N ILE A 348 8.19 8.57 6.44
CA ILE A 348 9.23 9.57 6.28
C ILE A 348 10.10 9.16 5.10
N THR A 349 10.11 9.99 4.06
CA THR A 349 10.77 9.65 2.81
C THR A 349 11.77 10.74 2.46
N THR A 350 12.53 10.51 1.38
CA THR A 350 13.59 11.42 1.01
C THR A 350 13.14 12.51 0.03
N GLU A 351 11.88 12.55 -0.36
CA GLU A 351 11.50 13.52 -1.38
C GLU A 351 11.41 14.91 -0.74
N ASP A 352 11.86 15.92 -1.47
CA ASP A 352 12.10 17.24 -0.90
C ASP A 352 10.87 18.10 -1.07
N PRO A 353 10.13 18.40 0.00
CA PRO A 353 8.92 19.23 -0.15
C PRO A 353 9.22 20.66 -0.57
N GLN A 354 10.46 21.11 -0.41
CA GLN A 354 10.87 22.43 -0.88
C GLN A 354 11.45 22.39 -2.29
N ASN A 355 11.49 21.22 -2.94
CA ASN A 355 12.06 21.11 -4.27
C ASN A 355 11.12 20.20 -5.09
N GLY A 356 9.82 20.47 -5.01
CA GLY A 356 8.86 19.77 -5.83
C GLY A 356 8.67 18.30 -5.52
N PHE A 357 9.02 17.86 -4.31
CA PHE A 357 8.87 16.48 -3.86
C PHE A 357 9.65 15.50 -4.73
N LEU A 358 10.83 15.91 -5.18
CA LEU A 358 11.71 15.02 -5.91
C LEU A 358 12.56 14.20 -4.94
N PRO A 359 12.74 12.90 -5.20
CA PRO A 359 13.48 12.05 -4.25
C PRO A 359 14.96 12.43 -4.20
N ASP A 360 15.40 12.92 -3.05
CA ASP A 360 16.77 13.36 -2.90
C ASP A 360 17.69 12.18 -2.64
N THR A 361 18.97 12.36 -3.00
CA THR A 361 20.00 11.36 -2.83
C THR A 361 21.15 11.94 -2.03
N GLY A 362 21.83 11.10 -1.28
CA GLY A 362 22.96 11.54 -0.49
C GLY A 362 23.31 10.51 0.57
N LYS A 363 24.12 10.96 1.52
CA LYS A 363 24.58 10.13 2.62
C LYS A 363 23.98 10.63 3.93
N ILE A 364 23.49 9.70 4.75
CA ILE A 364 22.89 10.01 6.04
C ILE A 364 24.02 10.11 7.06
N ASP A 365 24.33 11.31 7.53
CA ASP A 365 25.42 11.47 8.49
C ASP A 365 24.95 11.16 9.91
N THR A 366 23.75 11.60 10.27
CA THR A 366 23.19 11.33 11.59
C THR A 366 21.76 10.83 11.44
N TYR A 367 21.36 9.94 12.35
CA TYR A 367 20.03 9.34 12.33
C TYR A 367 19.59 9.12 13.77
N ARG A 368 18.51 9.79 14.17
CA ARG A 368 17.99 9.71 15.53
C ARG A 368 16.54 9.25 15.48
N SER A 369 16.20 8.23 16.26
CA SER A 369 14.86 7.66 16.25
C SER A 369 14.21 7.81 17.60
N PRO A 370 12.97 8.27 17.66
CA PRO A 370 12.24 8.29 18.93
C PRO A 370 11.77 6.90 19.33
N GLY A 371 11.23 6.84 20.54
CA GLY A 371 10.65 5.63 21.08
C GLY A 371 9.64 5.99 22.14
N GLY A 372 9.36 5.03 23.01
CA GLY A 372 8.51 5.26 24.15
C GLY A 372 7.11 4.72 23.95
N PHE A 373 6.18 5.27 24.73
CA PHE A 373 4.82 4.79 24.73
C PHE A 373 4.09 5.18 23.45
N GLY A 374 3.38 4.23 22.86
CA GLY A 374 2.52 4.51 21.74
C GLY A 374 3.19 4.71 20.41
N ILE A 375 4.43 4.26 20.24
CA ILE A 375 5.19 4.48 19.01
C ILE A 375 5.56 3.13 18.42
N ARG A 376 5.32 2.96 17.12
CA ARG A 376 5.77 1.79 16.38
C ARG A 376 6.70 2.26 15.27
N LEU A 377 7.86 1.62 15.16
CA LEU A 377 8.89 2.01 14.21
C LEU A 377 9.10 0.91 13.20
N ASP A 378 8.98 1.25 11.92
CA ASP A 378 9.27 0.34 10.82
C ASP A 378 10.22 1.04 9.86
N VAL A 379 11.50 0.68 9.90
CA VAL A 379 12.53 1.41 9.19
C VAL A 379 13.03 0.58 8.01
N GLY A 380 13.23 1.26 6.89
CA GLY A 380 13.89 0.65 5.75
C GLY A 380 15.39 0.80 5.91
N ASN A 381 16.04 1.39 4.92
CA ASN A 381 17.47 1.65 4.99
C ASN A 381 17.67 3.14 5.29
N ALA A 382 17.82 3.45 6.58
CA ALA A 382 17.93 4.83 7.01
C ALA A 382 18.99 5.02 8.09
N TYR A 383 19.91 4.08 8.26
CA TYR A 383 20.92 4.20 9.30
C TYR A 383 21.94 5.28 8.95
N ALA A 384 22.70 5.70 9.96
CA ALA A 384 23.75 6.67 9.75
C ALA A 384 24.87 6.06 8.91
N GLY A 385 25.29 6.80 7.89
CA GLY A 385 26.27 6.30 6.94
C GLY A 385 25.69 5.66 5.70
N TYR A 386 24.38 5.40 5.68
CA TYR A 386 23.75 4.83 4.49
C TYR A 386 23.69 5.86 3.37
N GLU A 387 24.05 5.42 2.17
CA GLU A 387 24.00 6.27 0.99
C GLU A 387 22.67 6.02 0.28
N VAL A 388 21.84 7.05 0.20
CA VAL A 388 20.54 6.93 -0.45
C VAL A 388 20.73 7.00 -1.96
N THR A 389 20.53 5.87 -2.63
CA THR A 389 20.66 5.80 -4.06
C THR A 389 19.37 6.26 -4.73
N PRO A 390 19.44 6.74 -5.98
CA PRO A 390 18.21 7.05 -6.71
C PRO A 390 17.53 5.83 -7.30
N TYR A 391 18.10 4.64 -7.11
CA TYR A 391 17.58 3.45 -7.78
C TYR A 391 16.24 3.02 -7.20
N PHE A 392 16.09 3.07 -5.88
CA PHE A 392 14.94 2.50 -5.21
C PHE A 392 13.97 3.60 -4.78
N ASP A 393 12.91 3.19 -4.08
CA ASP A 393 11.94 4.14 -3.58
C ASP A 393 12.53 5.00 -2.48
N SER A 394 11.89 6.14 -2.23
CA SER A 394 12.40 7.13 -1.30
C SER A 394 12.12 6.80 0.15
N LEU A 395 11.54 5.65 0.45
CA LEU A 395 11.08 5.32 1.80
C LEU A 395 12.27 5.12 2.71
N LEU A 396 12.39 5.98 3.73
CA LEU A 396 13.37 5.77 4.78
C LEU A 396 12.79 4.92 5.90
N VAL A 397 11.67 5.37 6.48
CA VAL A 397 11.13 4.75 7.67
C VAL A 397 9.63 5.04 7.77
N LYS A 398 8.84 4.00 8.02
CA LYS A 398 7.45 4.19 8.40
C LYS A 398 7.35 4.30 9.91
N VAL A 399 6.60 5.29 10.36
CA VAL A 399 6.39 5.50 11.79
C VAL A 399 4.90 5.61 12.05
N CYS A 400 4.45 4.93 13.12
CA CYS A 400 3.06 4.94 13.50
C CYS A 400 2.92 5.28 14.98
N THR A 401 1.93 6.11 15.29
CA THR A 401 1.55 6.38 16.68
C THR A 401 0.14 5.86 16.88
N PHE A 402 -0.11 5.24 18.03
CA PHE A 402 -1.42 4.69 18.34
C PHE A 402 -1.86 5.19 19.71
N ALA A 403 -3.15 5.52 19.82
CA ALA A 403 -3.70 5.98 21.08
C ALA A 403 -5.18 5.67 21.10
N ASN A 404 -5.77 5.73 22.30
CA ASN A 404 -7.20 5.52 22.44
C ASN A 404 -7.99 6.61 21.75
N GLU A 405 -7.51 7.84 21.83
CA GLU A 405 -8.16 8.99 21.21
C GLU A 405 -7.29 9.48 20.06
N PHE A 406 -7.93 9.92 18.98
CA PHE A 406 -7.20 10.36 17.79
C PHE A 406 -6.35 11.60 18.08
N SER A 407 -6.81 12.46 19.00
CA SER A 407 -6.08 13.68 19.32
C SER A 407 -4.74 13.37 19.96
N ASP A 408 -4.69 12.38 20.85
CA ASP A 408 -3.43 12.02 21.47
C ASP A 408 -2.49 11.34 20.47
N SER A 409 -3.05 10.62 19.50
CA SER A 409 -2.24 10.07 18.43
C SER A 409 -1.63 11.17 17.57
N VAL A 410 -2.40 12.24 17.31
CA VAL A 410 -1.87 13.40 16.61
C VAL A 410 -0.76 14.05 17.42
N ARG A 411 -0.95 14.17 18.73
CA ARG A 411 0.07 14.77 19.59
C ARG A 411 1.36 13.95 19.60
N LYS A 412 1.24 12.62 19.66
CA LYS A 412 2.43 11.79 19.70
C LYS A 412 3.12 11.76 18.34
N MET A 413 2.36 11.82 17.24
CA MET A 413 3.00 11.96 15.93
C MET A 413 3.72 13.29 15.79
N ASP A 414 3.17 14.36 16.36
CA ASP A 414 3.87 15.63 16.35
C ASP A 414 5.16 15.56 17.14
N ARG A 415 5.11 14.91 18.31
CA ARG A 415 6.31 14.72 19.13
C ARG A 415 7.35 13.89 18.38
N VAL A 416 6.91 12.85 17.68
CA VAL A 416 7.84 11.97 16.97
C VAL A 416 8.48 12.72 15.80
N LEU A 417 7.67 13.45 15.03
CA LEU A 417 8.16 14.14 13.85
C LEU A 417 9.12 15.24 14.23
N HIS A 418 8.87 15.92 15.34
CA HIS A 418 9.83 16.92 15.81
C HIS A 418 11.06 16.25 16.43
N GLU A 419 10.88 15.06 17.00
CA GLU A 419 12.00 14.35 17.61
C GLU A 419 12.89 13.72 16.54
N PHE A 420 12.31 13.36 15.39
CA PHE A 420 13.03 12.62 14.37
C PHE A 420 14.12 13.50 13.78
N ARG A 421 15.30 12.90 13.52
CA ARG A 421 16.45 13.65 13.01
C ARG A 421 17.17 12.81 11.95
N ILE A 422 16.98 13.19 10.68
CA ILE A 422 17.83 12.72 9.60
C ILE A 422 18.44 13.96 8.97
N ARG A 423 19.77 14.06 9.00
CA ARG A 423 20.46 15.11 8.27
C ARG A 423 21.34 14.50 7.19
N GLY A 424 21.83 15.34 6.30
CA GLY A 424 22.53 14.90 5.11
C GLY A 424 21.63 14.62 3.92
N VAL A 425 20.38 14.22 4.17
CA VAL A 425 19.36 14.13 3.14
C VAL A 425 18.14 14.89 3.64
N LYS A 426 17.35 15.39 2.70
CA LYS A 426 16.25 16.28 3.07
C LYS A 426 14.94 15.48 2.98
N THR A 427 14.15 15.55 4.05
CA THR A 427 12.99 14.70 4.22
C THR A 427 11.71 15.52 4.10
N ASN A 428 10.59 14.80 4.05
CA ASN A 428 9.26 15.40 4.05
C ASN A 428 8.74 15.67 5.46
N ILE A 429 9.62 15.67 6.46
CA ILE A 429 9.19 15.89 7.84
C ILE A 429 8.52 17.25 8.06
N PRO A 430 9.04 18.38 7.53
CA PRO A 430 8.23 19.62 7.61
C PRO A 430 6.87 19.53 6.94
N PHE A 431 6.77 18.81 5.82
CA PHE A 431 5.48 18.62 5.18
C PHE A 431 4.53 17.84 6.06
N LEU A 432 5.00 16.75 6.67
CA LEU A 432 4.17 15.94 7.54
C LEU A 432 3.75 16.73 8.78
N ILE A 433 4.66 17.56 9.31
CA ILE A 433 4.35 18.40 10.46
C ILE A 433 3.26 19.39 10.11
N ASN A 434 3.37 20.03 8.94
CA ASN A 434 2.36 20.98 8.50
C ASN A 434 1.01 20.30 8.27
N VAL A 435 1.02 19.08 7.73
CA VAL A 435 -0.23 18.39 7.45
C VAL A 435 -0.93 17.99 8.75
N ILE A 436 -0.18 17.41 9.69
CA ILE A 436 -0.81 17.01 10.95
C ILE A 436 -1.12 18.21 11.84
N ALA A 437 -0.54 19.37 11.56
CA ALA A 437 -0.91 20.57 12.31
C ALA A 437 -2.26 21.12 11.86
N ASN A 438 -2.74 20.69 10.70
CA ASN A 438 -3.95 21.26 10.14
C ASN A 438 -5.20 20.77 10.88
N GLU A 439 -6.21 21.64 10.94
CA GLU A 439 -7.43 21.31 11.66
C GLU A 439 -8.32 20.36 10.87
N ASN A 440 -8.20 20.36 9.53
CA ASN A 440 -8.98 19.43 8.73
C ASN A 440 -8.54 18.00 8.96
N PHE A 441 -7.21 17.77 9.04
CA PHE A 441 -6.71 16.45 9.38
C PHE A 441 -7.04 16.09 10.82
N THR A 442 -6.93 17.06 11.73
CA THR A 442 -7.17 16.81 13.14
C THR A 442 -8.62 16.46 13.42
N SER A 443 -9.55 17.10 12.70
CA SER A 443 -10.97 16.76 12.85
C SER A 443 -11.30 15.42 12.18
N GLY A 444 -10.38 14.89 11.38
CA GLY A 444 -10.63 13.65 10.69
C GLY A 444 -11.44 13.79 9.42
N GLN A 445 -11.77 15.02 9.02
CA GLN A 445 -12.58 15.26 7.83
C GLN A 445 -11.74 15.63 6.62
N ALA A 446 -10.51 15.12 6.55
CA ALA A 446 -9.69 15.33 5.36
C ALA A 446 -10.25 14.53 4.20
N THR A 447 -10.14 15.11 3.01
CA THR A 447 -10.53 14.47 1.77
C THR A 447 -9.31 14.32 0.87
N THR A 448 -9.52 13.76 -0.32
CA THR A 448 -8.40 13.57 -1.22
C THR A 448 -7.95 14.87 -1.87
N THR A 449 -8.79 15.90 -1.84
CA THR A 449 -8.41 17.20 -2.34
C THR A 449 -7.94 18.15 -1.24
N PHE A 450 -7.73 17.63 -0.03
CA PHE A 450 -7.35 18.49 1.09
C PHE A 450 -5.98 19.10 0.89
N ILE A 451 -5.01 18.30 0.43
CA ILE A 451 -3.66 18.80 0.27
C ILE A 451 -3.57 19.77 -0.90
N ASP A 452 -4.21 19.42 -2.02
CA ASP A 452 -4.08 20.23 -3.23
C ASP A 452 -4.81 21.56 -3.11
N ASN A 453 -5.79 21.64 -2.23
CA ASN A 453 -6.53 22.89 -2.01
C ASN A 453 -6.09 23.62 -0.75
N THR A 454 -4.93 23.28 -0.20
CA THR A 454 -4.39 23.99 0.96
C THR A 454 -3.00 24.50 0.66
N PRO A 455 -2.84 25.73 0.19
CA PRO A 455 -1.49 26.25 -0.08
C PRO A 455 -0.70 26.53 1.18
N SER A 456 -1.36 26.65 2.33
CA SER A 456 -0.65 26.95 3.56
C SER A 456 0.12 25.75 4.09
N LEU A 457 -0.13 24.57 3.53
CA LEU A 457 0.61 23.37 3.92
C LEU A 457 2.08 23.44 3.50
N PHE A 458 2.41 24.27 2.52
CA PHE A 458 3.74 24.32 1.95
C PHE A 458 4.58 25.46 2.50
N ASN A 459 4.13 26.10 3.58
CA ASN A 459 4.90 27.15 4.25
C ASN A 459 5.78 26.51 5.32
N PHE A 460 6.88 25.93 4.86
CA PHE A 460 7.78 25.23 5.77
C PHE A 460 8.64 26.22 6.52
N PRO A 461 8.70 26.14 7.85
CA PRO A 461 9.45 27.13 8.62
C PRO A 461 10.95 26.97 8.45
N ARG A 462 11.67 28.07 8.67
CA ARG A 462 13.12 28.03 8.66
C ARG A 462 13.63 27.29 9.89
N LEU A 463 14.58 26.39 9.67
CA LEU A 463 15.19 25.62 10.75
C LEU A 463 16.63 26.07 10.88
N ARG A 464 17.08 26.28 12.12
CA ARG A 464 18.43 26.81 12.33
C ARG A 464 19.49 25.81 11.91
N ASP A 465 19.39 24.57 12.40
CA ASP A 465 20.23 23.44 11.98
C ASP A 465 21.72 23.74 12.17
N ARG A 466 22.12 23.91 13.42
CA ARG A 466 23.52 24.23 13.69
C ARG A 466 24.34 22.96 13.82
N GLY A 467 25.34 22.83 12.96
CA GLY A 467 26.16 21.63 12.91
C GLY A 467 26.43 21.19 11.49
#